data_2FB8
#
_entry.id   2FB8
#
_cell.length_a   95.638
_cell.length_b   95.638
_cell.length_c   159.222
_cell.angle_alpha   90.00
_cell.angle_beta   90.00
_cell.angle_gamma   90.00
#
_symmetry.space_group_name_H-M   'P 41 21 2'
#
loop_
_entity.id
_entity.type
_entity.pdbx_description
1 polymer 'B-Raf proto-oncogene serine/threonine-protein kinase'
2 non-polymer '(1Z)-5-(2-{4-[2-(DIMETHYLAMINO)ETHOXY]PHENYL}-5-PYRIDIN-4-YL-1H-IMIDAZOL-4-YL)INDAN-1-ONE OXIME'
3 water water
#
_entity_poly.entity_id   1
_entity_poly.type   'polypeptide(L)'
_entity_poly.pdbx_seq_one_letter_code
;GSDSSDDWEIPDGQITVGQRIGSGSFGTVYKGKWHGDVAVKMLNVTAPTPQQLQAFKNEVGVLRKTRHVNILLFMGYSTK
PQLAIVTQWCEGSSLYHHLHIIETKFEMIKLIDIARQTAQGMDYLHAKSIIHRDLKSNNIFLHEDLTVKIGDFGLATVKS
RWSGSHQFEQLSGSILWMAPEVIRMQDKNPYSFQSDVYAFGIVLYELMTGQLPYSNINNRDQIIFMVGRGYLSPDLSKVR
SNCPKAMKRLMAECLKKKRDERPLFPQILASIELLARSLPK
;
_entity_poly.pdbx_strand_id   A,B
#
loop_
_chem_comp.id
_chem_comp.type
_chem_comp.name
_chem_comp.formula
215 non-polymer '(1Z)-5-(2-{4-[2-(DIMETHYLAMINO)ETHOXY]PHENYL}-5-PYRIDIN-4-YL-1H-IMIDAZOL-4-YL)INDAN-1-ONE OXIME' 'C27 H27 N5 O2'
#
# COMPACT_ATOMS: atom_id res chain seq x y z
N ASP A 7 4.34 -9.87 -13.23
CA ASP A 7 3.86 -9.09 -14.43
C ASP A 7 2.38 -8.66 -14.22
N TRP A 8 1.90 -7.73 -15.06
CA TRP A 8 0.78 -6.85 -14.69
C TRP A 8 -0.52 -7.08 -15.36
N GLU A 9 -0.53 -7.84 -16.45
CA GLU A 9 -1.82 -8.23 -17.05
C GLU A 9 -2.56 -9.30 -16.23
N ILE A 10 -3.69 -8.95 -15.64
CA ILE A 10 -4.49 -9.90 -14.88
C ILE A 10 -5.22 -10.93 -15.76
N PRO A 11 -4.96 -12.25 -15.56
CA PRO A 11 -5.75 -13.29 -16.24
C PRO A 11 -7.23 -12.93 -16.37
N ASP A 12 -7.70 -13.02 -17.60
CA ASP A 12 -9.03 -12.59 -18.06
C ASP A 12 -10.20 -13.28 -17.39
N GLY A 13 -11.22 -12.47 -17.12
CA GLY A 13 -12.39 -13.01 -16.44
C GLY A 13 -12.04 -13.54 -15.04
N GLN A 14 -11.16 -12.79 -14.40
CA GLN A 14 -10.84 -13.08 -13.07
C GLN A 14 -11.40 -11.97 -12.20
N ILE A 15 -11.80 -10.85 -12.79
CA ILE A 15 -12.36 -9.73 -12.01
C ILE A 15 -13.88 -9.71 -11.94
N THR A 16 -14.48 -9.86 -10.76
CA THR A 16 -15.89 -9.48 -10.65
C THR A 16 -16.02 -7.98 -10.40
N VAL A 17 -17.18 -7.44 -10.72
CA VAL A 17 -17.50 -6.05 -10.45
C VAL A 17 -18.86 -6.03 -9.82
N GLY A 18 -18.99 -5.38 -8.67
CA GLY A 18 -20.32 -5.14 -8.15
C GLY A 18 -20.74 -3.76 -8.60
N GLN A 19 -20.94 -2.93 -7.61
CA GLN A 19 -21.54 -1.63 -7.70
C GLN A 19 -20.78 -0.56 -8.48
N ARG A 20 -21.49 0.47 -8.96
CA ARG A 20 -20.89 1.56 -9.71
C ARG A 20 -20.77 2.77 -8.82
N ILE A 21 -19.75 3.57 -9.05
CA ILE A 21 -19.38 4.55 -8.08
C ILE A 21 -19.34 5.96 -8.66
N GLY A 22 -19.07 6.07 -9.95
CA GLY A 22 -19.02 7.36 -10.63
C GLY A 22 -18.20 7.40 -11.91
N SER A 23 -17.87 8.60 -12.37
CA SER A 23 -17.11 8.71 -13.60
C SER A 23 -15.63 8.96 -13.23
N GLY A 24 -14.69 8.52 -14.07
CA GLY A 24 -13.28 8.64 -13.76
C GLY A 24 -12.53 9.68 -14.57
N SER A 25 -11.92 9.26 -15.69
CA SER A 25 -11.24 10.18 -16.61
C SER A 25 -11.22 9.66 -18.06
N PHE A 26 -10.81 8.41 -18.26
CA PHE A 26 -11.17 7.81 -19.52
C PHE A 26 -12.52 7.10 -19.30
N GLY A 27 -12.63 6.40 -18.17
CA GLY A 27 -13.66 5.38 -18.02
C GLY A 27 -14.54 5.70 -16.87
N THR A 28 -15.32 4.70 -16.47
CA THR A 28 -16.07 4.76 -15.22
C THR A 28 -15.47 3.79 -14.16
N VAL A 29 -15.72 4.08 -12.89
CA VAL A 29 -15.09 3.43 -11.73
C VAL A 29 -16.08 2.50 -11.09
N TYR A 30 -15.64 1.36 -10.58
CA TYR A 30 -16.59 0.52 -9.86
C TYR A 30 -15.93 -0.17 -8.70
N LYS A 31 -16.75 -0.53 -7.71
CA LYS A 31 -16.31 -1.48 -6.69
C LYS A 31 -16.35 -2.91 -7.22
N GLY A 32 -15.24 -3.62 -7.03
CA GLY A 32 -15.07 -4.98 -7.55
C GLY A 32 -14.18 -5.87 -6.71
N LYS A 33 -14.11 -7.13 -7.14
CA LYS A 33 -13.29 -8.15 -6.53
C LYS A 33 -12.09 -8.54 -7.40
N TRP A 34 -10.93 -8.64 -6.80
CA TRP A 34 -9.84 -9.41 -7.38
C TRP A 34 -8.87 -9.64 -6.26
N HIS A 35 -8.95 -10.82 -5.65
CA HIS A 35 -8.15 -11.14 -4.47
C HIS A 35 -8.44 -10.08 -3.47
N GLY A 36 -9.73 -9.72 -3.35
CA GLY A 36 -10.15 -8.82 -2.31
C GLY A 36 -10.98 -7.72 -2.89
N ASP A 37 -11.30 -6.76 -2.05
CA ASP A 37 -11.93 -5.53 -2.47
C ASP A 37 -10.94 -4.81 -3.31
N VAL A 38 -11.37 -4.35 -4.46
CA VAL A 38 -10.50 -3.55 -5.29
C VAL A 38 -11.32 -2.51 -5.93
N ALA A 39 -10.62 -1.60 -6.59
CA ALA A 39 -11.22 -0.50 -7.30
C ALA A 39 -10.91 -0.68 -8.78
N VAL A 40 -11.94 -0.61 -9.60
CA VAL A 40 -11.72 -0.85 -11.00
C VAL A 40 -12.25 0.32 -11.81
N LYS A 41 -11.47 0.76 -12.79
CA LYS A 41 -11.91 1.81 -13.71
C LYS A 41 -11.88 1.30 -15.14
N MET A 42 -13.04 1.11 -15.73
CA MET A 42 -13.01 0.55 -17.07
C MET A 42 -13.88 1.33 -18.01
N LEU A 43 -13.91 0.84 -19.24
CA LEU A 43 -14.31 1.64 -20.35
C LEU A 43 -15.38 1.04 -21.21
N ASN A 44 -16.44 0.54 -20.59
CA ASN A 44 -17.69 0.12 -21.28
C ASN A 44 -17.60 -0.18 -22.78
N VAL A 45 -17.79 0.88 -23.59
CA VAL A 45 -17.39 0.90 -25.00
C VAL A 45 -16.83 -0.44 -25.48
N THR A 46 -17.65 -1.26 -26.09
CA THR A 46 -17.11 -2.51 -26.65
C THR A 46 -16.59 -2.18 -28.06
N ALA A 47 -15.41 -2.73 -28.42
CA ALA A 47 -14.55 -2.16 -29.50
C ALA A 47 -14.32 -0.60 -29.36
N PRO A 48 -13.15 -0.17 -28.82
CA PRO A 48 -12.79 1.23 -28.60
C PRO A 48 -11.67 1.80 -29.49
N THR A 49 -11.53 3.12 -29.49
CA THR A 49 -10.70 3.91 -30.42
C THR A 49 -9.18 3.69 -30.40
N PRO A 50 -8.51 3.94 -31.55
CA PRO A 50 -7.06 4.09 -31.50
C PRO A 50 -6.73 5.20 -30.49
N GLN A 51 -7.45 6.33 -30.58
CA GLN A 51 -7.22 7.43 -29.67
C GLN A 51 -7.43 6.97 -28.18
N GLN A 52 -8.52 6.25 -27.90
CA GLN A 52 -8.81 5.76 -26.53
C GLN A 52 -7.83 4.75 -25.92
N LEU A 53 -7.52 3.67 -26.62
CA LEU A 53 -6.70 2.66 -25.96
C LEU A 53 -5.25 3.14 -25.91
N GLN A 54 -4.98 4.20 -26.64
CA GLN A 54 -3.81 4.99 -26.37
C GLN A 54 -3.88 5.48 -24.94
N ALA A 55 -4.85 6.32 -24.66
CA ALA A 55 -5.05 6.85 -23.32
C ALA A 55 -4.73 5.78 -22.23
N PHE A 56 -5.33 4.60 -22.39
CA PHE A 56 -5.18 3.50 -21.46
C PHE A 56 -3.77 2.95 -21.50
N LYS A 57 -3.27 2.57 -22.66
CA LYS A 57 -1.88 2.14 -22.70
C LYS A 57 -1.05 3.15 -21.92
N ASN A 58 -1.24 4.47 -22.18
CA ASN A 58 -0.46 5.51 -21.46
C ASN A 58 -0.55 5.44 -19.93
N GLU A 59 -1.78 5.61 -19.40
CA GLU A 59 -2.02 5.61 -17.94
C GLU A 59 -1.33 4.42 -17.27
N VAL A 60 -1.68 3.23 -17.75
CA VAL A 60 -1.00 2.04 -17.36
C VAL A 60 0.51 2.24 -17.43
N GLY A 61 1.01 2.55 -18.59
CA GLY A 61 2.43 2.87 -18.67
C GLY A 61 3.01 3.69 -17.49
N VAL A 62 2.22 4.63 -16.96
CA VAL A 62 2.68 5.42 -15.82
C VAL A 62 2.40 4.73 -14.45
N LEU A 63 1.24 4.11 -14.29
CA LEU A 63 0.88 3.53 -12.98
C LEU A 63 1.86 2.45 -12.63
N ARG A 64 2.16 1.61 -13.60
CA ARG A 64 3.18 0.56 -13.42
C ARG A 64 4.46 1.08 -12.75
N LYS A 65 4.75 2.38 -12.91
CA LYS A 65 5.98 3.01 -12.40
C LYS A 65 5.91 3.44 -10.93
N THR A 66 4.69 3.51 -10.39
CA THR A 66 4.50 3.93 -8.99
C THR A 66 4.46 2.79 -7.99
N ARG A 67 5.04 3.02 -6.83
CA ARG A 67 5.00 2.12 -5.68
C ARG A 67 5.37 2.98 -4.50
N HIS A 68 4.38 3.32 -3.70
CA HIS A 68 4.60 4.27 -2.64
C HIS A 68 3.31 4.59 -1.89
N VAL A 69 3.34 4.40 -0.58
CA VAL A 69 2.17 4.47 0.35
C VAL A 69 1.10 5.44 -0.10
N ASN A 70 1.50 6.72 -0.18
CA ASN A 70 0.70 7.83 -0.72
C ASN A 70 0.32 7.84 -2.19
N ILE A 71 0.60 6.79 -2.96
CA ILE A 71 -0.01 6.62 -4.30
C ILE A 71 -0.89 5.39 -4.31
N LEU A 72 -2.09 5.57 -4.87
CA LEU A 72 -3.09 4.51 -5.00
C LEU A 72 -2.42 3.39 -5.77
N LEU A 73 -2.64 2.20 -5.27
CA LEU A 73 -1.73 1.18 -5.58
C LEU A 73 -2.23 0.32 -6.69
N PHE A 74 -1.53 0.40 -7.81
CA PHE A 74 -1.87 -0.33 -9.04
C PHE A 74 -1.65 -1.82 -8.81
N MET A 75 -2.71 -2.60 -9.04
CA MET A 75 -2.67 -4.01 -8.82
C MET A 75 -2.41 -4.70 -10.18
N GLY A 76 -3.20 -4.35 -11.20
CA GLY A 76 -3.15 -5.05 -12.49
C GLY A 76 -3.89 -4.25 -13.53
N TYR A 77 -4.00 -4.74 -14.75
CA TYR A 77 -4.91 -4.22 -15.78
C TYR A 77 -5.25 -5.41 -16.65
N SER A 78 -6.42 -5.36 -17.30
CA SER A 78 -6.83 -6.35 -18.33
C SER A 78 -7.44 -5.64 -19.51
N THR A 79 -7.52 -6.32 -20.65
CA THR A 79 -8.26 -5.77 -21.79
C THR A 79 -9.38 -6.67 -22.24
N LYS A 80 -9.40 -7.92 -21.83
CA LYS A 80 -10.42 -8.82 -22.30
C LYS A 80 -11.27 -9.10 -21.08
N PRO A 81 -12.55 -8.66 -21.05
CA PRO A 81 -13.43 -8.24 -22.15
C PRO A 81 -13.49 -6.74 -22.33
N GLN A 82 -12.75 -6.00 -21.51
CA GLN A 82 -12.84 -4.57 -21.54
C GLN A 82 -11.59 -4.07 -20.93
N LEU A 83 -11.32 -2.81 -21.22
CA LEU A 83 -10.08 -2.15 -20.87
C LEU A 83 -10.27 -1.68 -19.47
N ALA A 84 -9.60 -2.34 -18.54
CA ALA A 84 -9.87 -2.08 -17.13
C ALA A 84 -8.58 -1.92 -16.34
N ILE A 85 -8.51 -0.83 -15.57
CA ILE A 85 -7.46 -0.67 -14.54
C ILE A 85 -7.99 -0.93 -13.13
N VAL A 86 -7.18 -1.68 -12.38
CA VAL A 86 -7.54 -2.16 -11.05
C VAL A 86 -6.63 -1.54 -9.99
N THR A 87 -7.18 -1.18 -8.85
CA THR A 87 -6.33 -0.73 -7.75
C THR A 87 -6.88 -1.13 -6.41
N GLN A 88 -6.10 -0.86 -5.38
CA GLN A 88 -6.51 -1.15 -4.03
C GLN A 88 -7.83 -0.42 -3.80
N TRP A 89 -8.65 -0.94 -2.88
CA TRP A 89 -9.89 -0.26 -2.49
C TRP A 89 -9.67 0.63 -1.28
N CYS A 90 -10.09 1.88 -1.41
CA CYS A 90 -10.06 2.80 -0.30
C CYS A 90 -11.42 2.98 0.25
N GLU A 91 -11.67 2.13 1.23
CA GLU A 91 -12.55 2.39 2.34
C GLU A 91 -12.22 3.82 2.75
N GLY A 92 -13.24 4.66 2.85
CA GLY A 92 -13.04 6.10 3.11
C GLY A 92 -13.74 6.94 2.04
N SER A 93 -13.28 8.16 1.83
CA SER A 93 -13.82 8.96 0.76
C SER A 93 -12.74 9.77 0.07
N SER A 94 -13.01 10.39 -1.08
CA SER A 94 -12.05 11.38 -1.52
C SER A 94 -12.10 12.51 -0.51
N LEU A 95 -11.03 13.32 -0.46
CA LEU A 95 -10.98 14.52 0.39
C LEU A 95 -12.11 15.46 0.07
N TYR A 96 -12.27 15.70 -1.23
CA TYR A 96 -13.31 16.54 -1.78
C TYR A 96 -14.56 16.23 -1.01
N HIS A 97 -14.94 14.95 -1.10
CA HIS A 97 -16.16 14.46 -0.52
C HIS A 97 -16.18 14.68 1.00
N HIS A 98 -15.02 14.62 1.65
CA HIS A 98 -15.02 15.08 3.03
C HIS A 98 -15.33 16.59 3.12
N LEU A 99 -14.41 17.44 2.62
CA LEU A 99 -14.47 18.86 2.97
C LEU A 99 -15.71 19.54 2.49
N HIS A 100 -16.35 18.99 1.46
CA HIS A 100 -17.44 19.67 0.81
C HIS A 100 -18.71 18.89 0.61
N ILE A 101 -18.70 17.58 0.80
CA ILE A 101 -19.98 16.88 0.79
C ILE A 101 -20.49 16.86 2.23
N ILE A 102 -19.88 16.02 3.05
CA ILE A 102 -20.25 15.84 4.44
C ILE A 102 -19.48 16.78 5.39
N GLU A 103 -19.01 17.91 4.88
CA GLU A 103 -18.03 18.78 5.57
C GLU A 103 -17.55 18.32 6.94
N THR A 104 -16.61 17.37 6.91
CA THR A 104 -15.95 16.83 8.08
C THR A 104 -15.12 17.88 8.76
N LYS A 105 -15.65 18.49 9.81
CA LYS A 105 -14.78 19.16 10.76
C LYS A 105 -13.63 18.14 10.94
N PHE A 106 -12.46 18.49 10.40
CA PHE A 106 -11.22 17.75 10.65
C PHE A 106 -10.54 18.66 11.62
N GLU A 107 -9.41 18.21 12.14
CA GLU A 107 -8.60 18.97 13.06
C GLU A 107 -7.38 19.43 12.33
N MET A 108 -6.90 20.60 12.73
CA MET A 108 -5.72 21.20 12.17
C MET A 108 -4.42 20.37 12.17
N ILE A 109 -4.21 19.42 13.08
CA ILE A 109 -2.98 18.65 12.88
C ILE A 109 -3.22 17.66 11.75
N LYS A 110 -4.44 17.10 11.70
CA LYS A 110 -4.79 16.15 10.66
C LYS A 110 -4.79 16.79 9.23
N LEU A 111 -5.14 18.08 9.17
CA LEU A 111 -5.22 18.74 7.89
C LEU A 111 -3.82 19.01 7.38
N ILE A 112 -2.88 19.26 8.29
CA ILE A 112 -1.47 19.41 7.90
C ILE A 112 -0.87 18.02 7.56
N ASP A 113 -1.34 17.00 8.27
CA ASP A 113 -0.92 15.67 7.93
C ASP A 113 -1.33 15.33 6.51
N ILE A 114 -2.59 15.57 6.17
CA ILE A 114 -3.09 15.34 4.79
C ILE A 114 -2.27 16.15 3.80
N ALA A 115 -2.00 17.39 4.17
CA ALA A 115 -1.21 18.24 3.30
C ALA A 115 0.11 17.58 2.99
N ARG A 116 0.76 17.14 4.09
CA ARG A 116 2.10 16.61 4.06
C ARG A 116 2.14 15.25 3.37
N GLN A 117 1.12 14.42 3.61
CA GLN A 117 1.05 13.16 2.86
C GLN A 117 0.89 13.33 1.32
N THR A 118 0.01 14.23 0.92
CA THR A 118 -0.01 14.66 -0.45
C THR A 118 1.38 15.14 -0.82
N ALA A 119 2.00 15.95 0.03
CA ALA A 119 3.28 16.52 -0.39
C ALA A 119 4.20 15.37 -0.65
N GLN A 120 4.16 14.38 0.24
CA GLN A 120 5.03 13.24 0.07
C GLN A 120 4.75 12.60 -1.28
N GLY A 121 3.50 12.49 -1.66
CA GLY A 121 3.21 11.70 -2.85
C GLY A 121 3.66 12.37 -4.12
N MET A 122 3.50 13.69 -4.09
CA MET A 122 3.91 14.54 -5.18
C MET A 122 5.42 14.60 -5.33
N ASP A 123 6.16 14.81 -4.24
CA ASP A 123 7.61 14.57 -4.20
C ASP A 123 7.97 13.26 -4.96
N TYR A 124 7.38 12.14 -4.56
CA TYR A 124 7.68 10.80 -5.14
C TYR A 124 7.48 10.86 -6.63
N LEU A 125 6.30 11.35 -7.00
CA LEU A 125 5.92 11.50 -8.40
C LEU A 125 6.94 12.25 -9.18
N HIS A 126 7.30 13.44 -8.69
CA HIS A 126 8.18 14.33 -9.44
C HIS A 126 9.62 13.78 -9.59
N ALA A 127 10.08 13.05 -8.57
CA ALA A 127 11.43 12.54 -8.58
C ALA A 127 11.48 11.58 -9.74
N LYS A 128 10.44 10.76 -9.88
CA LYS A 128 10.28 9.88 -11.02
C LYS A 128 9.90 10.65 -12.34
N SER A 129 9.96 11.97 -12.32
CA SER A 129 9.57 12.72 -13.55
C SER A 129 8.12 12.49 -14.05
N ILE A 130 7.21 12.20 -13.12
CA ILE A 130 5.82 12.04 -13.46
C ILE A 130 5.08 13.35 -13.20
N ILE A 131 4.21 13.74 -14.10
CA ILE A 131 3.43 14.91 -13.80
C ILE A 131 1.98 14.57 -13.84
N HIS A 132 1.33 14.76 -12.72
CA HIS A 132 -0.04 14.32 -12.61
C HIS A 132 -0.98 15.04 -13.58
N ARG A 133 -0.87 16.38 -13.58
CA ARG A 133 -1.72 17.23 -14.42
C ARG A 133 -3.19 17.22 -14.04
N ASP A 134 -3.52 16.65 -12.90
CA ASP A 134 -4.89 16.65 -12.45
C ASP A 134 -5.00 16.32 -10.96
N LEU A 135 -4.03 16.80 -10.19
CA LEU A 135 -4.23 16.70 -8.76
C LEU A 135 -5.34 17.69 -8.36
N LYS A 136 -6.31 17.20 -7.60
CA LYS A 136 -7.37 17.98 -7.04
C LYS A 136 -7.95 17.13 -5.91
N SER A 137 -8.63 17.74 -4.95
CA SER A 137 -9.15 17.00 -3.80
C SER A 137 -10.04 15.83 -4.14
N ASN A 138 -10.51 15.74 -5.39
CA ASN A 138 -11.20 14.51 -5.86
C ASN A 138 -10.27 13.34 -6.19
N ASN A 139 -9.02 13.60 -6.49
CA ASN A 139 -8.14 12.52 -6.84
C ASN A 139 -7.27 12.09 -5.63
N ILE A 140 -7.69 12.54 -4.44
CA ILE A 140 -7.02 12.22 -3.15
C ILE A 140 -7.91 11.36 -2.26
N PHE A 141 -7.68 10.07 -2.22
CA PHE A 141 -8.55 9.27 -1.40
C PHE A 141 -7.89 9.00 -0.07
N LEU A 142 -8.67 9.19 0.98
CA LEU A 142 -8.23 9.12 2.36
C LEU A 142 -8.61 7.78 3.03
N HIS A 143 -7.67 6.84 2.97
CA HIS A 143 -7.95 5.44 3.21
C HIS A 143 -7.81 5.05 4.66
N GLU A 144 -8.94 4.65 5.22
CA GLU A 144 -9.09 4.47 6.65
C GLU A 144 -8.67 5.76 7.33
N ASP A 145 -9.28 6.87 6.87
CA ASP A 145 -9.12 8.27 7.38
C ASP A 145 -7.69 8.76 7.69
N LEU A 146 -6.76 7.82 7.79
CA LEU A 146 -5.43 8.15 8.25
C LEU A 146 -4.50 8.37 7.06
N THR A 147 -4.64 7.55 6.02
CA THR A 147 -3.62 7.53 4.96
C THR A 147 -4.09 8.09 3.62
N VAL A 148 -3.21 8.82 2.98
CA VAL A 148 -3.57 9.46 1.75
C VAL A 148 -3.02 8.67 0.61
N LYS A 149 -3.83 8.57 -0.44
CA LYS A 149 -3.45 7.96 -1.72
C LYS A 149 -3.89 8.85 -2.90
N ILE A 150 -2.93 9.34 -3.66
CA ILE A 150 -3.22 10.12 -4.85
C ILE A 150 -3.67 9.12 -5.89
N GLY A 151 -4.60 9.49 -6.75
CA GLY A 151 -5.05 8.55 -7.76
C GLY A 151 -5.41 9.24 -9.05
N ASP A 152 -5.89 8.47 -10.01
CA ASP A 152 -6.33 8.95 -11.33
C ASP A 152 -5.25 9.58 -12.14
N PHE A 153 -4.69 8.73 -12.99
CA PHE A 153 -3.48 9.01 -13.69
C PHE A 153 -3.79 9.02 -15.14
N GLY A 154 -5.07 9.19 -15.43
CA GLY A 154 -5.53 9.58 -16.75
C GLY A 154 -4.71 10.70 -17.38
N LEU A 155 -4.38 11.76 -16.64
CA LEU A 155 -3.68 12.93 -17.26
C LEU A 155 -2.16 12.91 -17.09
N ALA A 156 -1.72 11.98 -16.30
CA ALA A 156 -0.34 11.86 -16.00
C ALA A 156 0.59 11.66 -17.22
N THR A 157 1.90 11.84 -16.99
CA THR A 157 2.88 11.81 -18.05
C THR A 157 4.33 11.92 -17.56
N VAL A 158 5.26 12.30 -18.43
CA VAL A 158 6.71 12.13 -18.20
C VAL A 158 7.67 13.33 -18.56
N SER A 172 -11.72 20.00 -19.67
CA SER A 172 -10.33 19.77 -20.12
C SER A 172 -9.45 18.99 -19.08
N GLY A 173 -10.12 18.38 -18.09
CA GLY A 173 -9.63 18.17 -16.71
C GLY A 173 -10.56 18.98 -15.77
N SER A 174 -10.18 19.13 -14.48
CA SER A 174 -10.96 19.97 -13.51
C SER A 174 -10.46 21.43 -13.12
N ILE A 175 -11.26 22.43 -13.51
CA ILE A 175 -10.86 23.84 -13.58
C ILE A 175 -10.21 24.61 -12.41
N LEU A 176 -10.80 24.55 -11.21
CA LEU A 176 -10.37 25.34 -10.04
C LEU A 176 -8.97 24.98 -9.51
N TRP A 177 -8.31 24.02 -10.11
CA TRP A 177 -6.96 23.67 -9.66
C TRP A 177 -5.95 23.99 -10.73
N MET A 178 -6.45 24.29 -11.95
CA MET A 178 -5.66 24.87 -13.04
C MET A 178 -4.97 26.19 -12.70
N ALA A 179 -3.65 26.15 -12.86
CA ALA A 179 -2.80 27.28 -12.73
C ALA A 179 -3.13 28.09 -13.95
N PRO A 180 -2.93 29.43 -13.86
CA PRO A 180 -3.22 30.42 -14.92
C PRO A 180 -2.60 30.09 -16.26
N GLU A 181 -1.34 29.65 -16.27
CA GLU A 181 -0.68 29.39 -17.52
C GLU A 181 -1.24 28.15 -18.25
N VAL A 182 -1.92 27.27 -17.51
CA VAL A 182 -2.65 26.15 -18.17
C VAL A 182 -3.87 26.75 -18.81
N ILE A 183 -4.54 27.61 -18.05
CA ILE A 183 -5.71 28.38 -18.44
C ILE A 183 -5.49 29.27 -19.67
N ARG A 184 -4.43 30.08 -19.66
CA ARG A 184 -4.17 31.01 -20.76
C ARG A 184 -3.93 30.21 -22.01
N MET A 185 -3.84 28.90 -21.79
CA MET A 185 -3.38 27.94 -22.76
C MET A 185 -2.21 28.42 -23.64
N GLN A 186 -1.37 29.32 -23.12
CA GLN A 186 -0.10 29.70 -23.76
C GLN A 186 0.76 28.44 -24.18
N ASP A 187 0.88 28.22 -25.50
CA ASP A 187 1.46 27.00 -26.18
C ASP A 187 0.85 25.60 -25.85
N LYS A 188 0.73 24.73 -26.85
CA LYS A 188 0.21 23.32 -26.70
C LYS A 188 0.59 22.59 -25.39
N ASN A 189 1.83 22.79 -24.89
CA ASN A 189 2.21 22.24 -23.58
C ASN A 189 2.89 23.20 -22.55
N PRO A 190 2.09 23.70 -21.59
CA PRO A 190 2.38 24.60 -20.50
C PRO A 190 2.36 23.95 -19.09
N TYR A 191 2.37 22.61 -19.06
CA TYR A 191 2.41 21.81 -17.85
C TYR A 191 3.82 21.66 -17.30
N SER A 192 3.94 21.40 -16.00
CA SER A 192 5.21 21.52 -15.33
C SER A 192 5.06 21.07 -13.90
N PHE A 193 6.12 20.66 -13.25
CA PHE A 193 6.00 20.40 -11.82
C PHE A 193 5.36 21.62 -11.22
N GLN A 194 5.76 22.77 -11.74
CA GLN A 194 5.28 24.02 -11.21
C GLN A 194 3.74 24.10 -11.18
N SER A 195 3.11 23.67 -12.27
CA SER A 195 1.64 23.58 -12.30
C SER A 195 1.12 22.52 -11.32
N ASP A 196 1.76 21.35 -11.29
CA ASP A 196 1.31 20.38 -10.30
C ASP A 196 1.35 21.04 -8.94
N VAL A 197 2.21 22.04 -8.76
CA VAL A 197 2.29 22.73 -7.48
C VAL A 197 1.14 23.76 -7.24
N TYR A 198 0.76 24.47 -8.30
CA TYR A 198 -0.29 25.41 -8.13
C TYR A 198 -1.48 24.66 -7.65
N ALA A 199 -1.78 23.50 -8.25
CA ALA A 199 -2.93 22.65 -7.76
C ALA A 199 -2.77 22.17 -6.32
N PHE A 200 -1.53 21.82 -5.93
CA PHE A 200 -1.32 21.43 -4.58
C PHE A 200 -1.76 22.58 -3.67
N GLY A 201 -1.42 23.82 -4.06
CA GLY A 201 -1.85 25.05 -3.36
C GLY A 201 -3.35 25.24 -3.23
N ILE A 202 -4.11 24.96 -4.28
CA ILE A 202 -5.57 24.96 -4.12
C ILE A 202 -5.99 23.87 -3.12
N VAL A 203 -5.21 22.80 -3.04
CA VAL A 203 -5.55 21.75 -2.11
C VAL A 203 -5.27 22.29 -0.71
N LEU A 204 -4.20 23.08 -0.59
CA LEU A 204 -3.99 23.74 0.69
C LEU A 204 -5.18 24.65 0.98
N TYR A 205 -5.57 25.42 -0.02
CA TYR A 205 -6.61 26.41 0.18
C TYR A 205 -7.85 25.72 0.66
N GLU A 206 -8.14 24.54 0.13
CA GLU A 206 -9.30 23.80 0.62
C GLU A 206 -9.05 23.31 2.05
N LEU A 207 -7.86 22.77 2.32
CA LEU A 207 -7.61 22.17 3.62
C LEU A 207 -7.71 23.28 4.61
N MET A 208 -6.92 24.33 4.41
CA MET A 208 -6.95 25.50 5.26
C MET A 208 -8.29 26.25 5.35
N THR A 209 -9.25 25.96 4.49
CA THR A 209 -10.50 26.71 4.60
C THR A 209 -11.75 25.84 4.49
N GLY A 210 -11.66 24.53 4.68
CA GLY A 210 -12.82 23.69 4.44
C GLY A 210 -13.63 24.07 3.18
N GLN A 211 -13.02 24.82 2.26
CA GLN A 211 -13.76 25.36 1.12
C GLN A 211 -13.12 25.30 -0.27
N LEU A 212 -13.99 25.20 -1.29
CA LEU A 212 -13.64 25.40 -2.70
C LEU A 212 -13.29 26.85 -2.93
N PRO A 213 -12.25 27.16 -3.76
CA PRO A 213 -12.02 28.60 -4.03
C PRO A 213 -13.12 29.18 -4.88
N TYR A 214 -13.17 30.50 -4.95
CA TYR A 214 -14.13 31.23 -5.81
C TYR A 214 -15.64 30.88 -5.62
N SER A 215 -16.05 30.62 -4.38
CA SER A 215 -17.45 30.24 -4.08
C SER A 215 -18.55 31.25 -4.57
N ASN A 216 -18.25 32.53 -4.58
CA ASN A 216 -19.27 33.54 -4.87
C ASN A 216 -19.40 33.88 -6.39
N ILE A 217 -18.85 32.99 -7.22
CA ILE A 217 -18.97 33.12 -8.65
C ILE A 217 -19.55 31.86 -9.21
N ASN A 218 -20.65 31.98 -9.92
CA ASN A 218 -21.27 30.84 -10.56
C ASN A 218 -21.14 30.71 -12.10
N ASN A 219 -20.16 31.35 -12.77
CA ASN A 219 -20.07 31.28 -14.26
C ASN A 219 -18.69 30.81 -14.69
N ARG A 220 -18.49 29.49 -14.75
CA ARG A 220 -17.20 28.83 -15.11
C ARG A 220 -16.30 29.63 -16.09
N ASP A 221 -16.77 29.69 -17.34
CA ASP A 221 -16.24 30.57 -18.35
C ASP A 221 -15.54 31.84 -17.80
N GLN A 222 -16.22 32.54 -16.88
CA GLN A 222 -15.72 33.76 -16.19
C GLN A 222 -14.55 33.51 -15.27
N ILE A 223 -14.74 32.57 -14.37
CA ILE A 223 -13.63 32.12 -13.58
C ILE A 223 -12.42 31.82 -14.46
N ILE A 224 -12.66 31.03 -15.52
CA ILE A 224 -11.59 30.55 -16.39
C ILE A 224 -10.80 31.77 -16.81
N PHE A 225 -11.51 32.67 -17.47
CA PHE A 225 -10.94 33.87 -17.94
C PHE A 225 -10.25 34.60 -16.83
N MET A 226 -10.98 34.87 -15.76
CA MET A 226 -10.49 35.80 -14.80
C MET A 226 -9.25 35.36 -14.10
N VAL A 227 -9.11 34.05 -13.93
CA VAL A 227 -7.98 33.50 -13.15
C VAL A 227 -6.74 33.51 -14.01
N GLY A 228 -6.94 33.15 -15.28
CA GLY A 228 -5.82 32.98 -16.17
C GLY A 228 -5.22 34.31 -16.53
N ARG A 229 -6.04 35.36 -16.39
CA ARG A 229 -5.60 36.70 -16.73
C ARG A 229 -5.01 37.41 -15.53
N GLY A 230 -5.20 36.85 -14.33
CA GLY A 230 -4.59 37.40 -13.10
C GLY A 230 -5.54 38.23 -12.22
N TYR A 231 -6.72 38.56 -12.76
CA TYR A 231 -7.70 39.40 -12.09
C TYR A 231 -8.31 38.69 -10.91
N LEU A 232 -8.25 37.38 -10.90
CA LEU A 232 -8.94 36.64 -9.86
C LEU A 232 -8.02 35.60 -9.28
N SER A 233 -8.09 35.45 -7.96
CA SER A 233 -7.20 34.57 -7.21
C SER A 233 -7.81 34.27 -5.86
N PRO A 234 -7.46 33.12 -5.23
CA PRO A 234 -8.11 32.72 -3.95
C PRO A 234 -8.02 33.76 -2.87
N ASP A 235 -9.17 34.02 -2.23
CA ASP A 235 -9.17 34.91 -1.10
C ASP A 235 -8.53 34.20 0.07
N LEU A 236 -7.23 34.40 0.20
CA LEU A 236 -6.46 33.76 1.25
C LEU A 236 -6.81 34.15 2.69
N SER A 237 -7.72 35.11 2.87
CA SER A 237 -8.07 35.55 4.23
C SER A 237 -9.20 34.74 4.77
N LYS A 238 -9.67 33.72 4.04
CA LYS A 238 -10.72 32.81 4.54
C LYS A 238 -10.14 31.58 5.30
N VAL A 239 -8.88 31.67 5.71
CA VAL A 239 -8.20 30.50 6.25
C VAL A 239 -8.34 30.34 7.78
N ARG A 240 -8.93 29.22 8.21
CA ARG A 240 -9.15 28.95 9.63
C ARG A 240 -8.04 29.64 10.46
N SER A 241 -8.42 30.33 11.54
CA SER A 241 -7.49 31.03 12.49
C SER A 241 -6.47 30.14 13.26
N ASN A 242 -6.94 29.03 13.82
CA ASN A 242 -6.08 27.92 14.26
C ASN A 242 -4.90 27.63 13.30
N CYS A 243 -4.92 28.21 12.10
CA CYS A 243 -3.96 27.90 11.03
C CYS A 243 -2.64 28.62 11.20
N PRO A 244 -1.54 27.86 11.24
CA PRO A 244 -0.26 28.53 11.34
C PRO A 244 -0.13 29.53 10.22
N LYS A 245 0.72 30.53 10.41
CA LYS A 245 0.99 31.54 9.42
C LYS A 245 2.06 31.03 8.43
N ALA A 246 2.91 30.11 8.81
CA ALA A 246 3.89 29.65 7.83
C ALA A 246 3.23 28.84 6.71
N MET A 247 2.23 28.06 7.09
CA MET A 247 1.37 27.36 6.15
C MET A 247 0.60 28.41 5.34
N LYS A 248 0.19 29.51 6.01
CA LYS A 248 -0.32 30.64 5.25
C LYS A 248 0.70 31.13 4.19
N ARG A 249 1.91 31.52 4.61
CA ARG A 249 2.91 31.98 3.66
C ARG A 249 3.15 30.93 2.57
N LEU A 250 3.33 29.67 2.97
CA LEU A 250 3.41 28.56 2.00
C LEU A 250 2.30 28.52 0.89
N MET A 251 1.03 28.52 1.27
CA MET A 251 0.02 28.54 0.25
C MET A 251 0.26 29.68 -0.69
N ALA A 252 0.61 30.85 -0.15
CA ALA A 252 0.83 32.02 -0.98
C ALA A 252 1.93 31.70 -1.98
N GLU A 253 3.09 31.26 -1.50
CA GLU A 253 4.20 30.89 -2.35
C GLU A 253 3.78 29.79 -3.27
N CYS A 254 2.74 29.06 -2.93
CA CYS A 254 2.41 27.94 -3.81
C CYS A 254 1.63 28.33 -5.00
N LEU A 255 0.78 29.35 -4.80
CA LEU A 255 -0.21 29.84 -5.75
C LEU A 255 0.35 30.96 -6.63
N LYS A 256 1.52 31.44 -6.26
CA LYS A 256 2.09 32.63 -6.87
C LYS A 256 1.84 32.62 -8.41
N LYS A 257 1.14 33.63 -8.92
CA LYS A 257 0.84 33.68 -10.35
C LYS A 257 2.05 33.38 -11.24
N LYS A 258 3.23 33.91 -10.94
CA LYS A 258 4.36 33.79 -11.89
C LYS A 258 4.96 32.36 -11.84
N ARG A 259 4.53 31.50 -12.74
CA ARG A 259 5.05 30.11 -12.82
C ARG A 259 6.33 29.89 -12.00
N ASP A 260 7.45 30.34 -12.54
CA ASP A 260 8.76 30.18 -11.91
C ASP A 260 8.95 30.66 -10.44
N GLU A 261 8.03 31.38 -9.82
CA GLU A 261 8.27 31.78 -8.41
C GLU A 261 8.02 30.67 -7.37
N ARG A 262 7.24 29.64 -7.80
CA ARG A 262 6.67 28.57 -6.96
C ARG A 262 7.68 27.56 -6.47
N PRO A 263 7.70 27.21 -5.18
CA PRO A 263 8.71 26.24 -4.77
C PRO A 263 8.38 24.86 -5.33
N LEU A 264 9.41 24.04 -5.50
CA LEU A 264 9.17 22.65 -5.85
C LEU A 264 8.86 21.76 -4.63
N PHE A 265 8.48 20.50 -4.87
CA PHE A 265 8.02 19.67 -3.79
C PHE A 265 9.01 19.41 -2.70
N PRO A 266 10.27 19.11 -3.08
CA PRO A 266 11.26 18.94 -2.01
C PRO A 266 11.18 20.14 -1.07
N GLN A 267 11.20 21.36 -1.58
CA GLN A 267 11.17 22.50 -0.68
C GLN A 267 9.79 22.61 0.06
N ILE A 268 8.74 22.12 -0.57
CA ILE A 268 7.40 22.21 0.03
C ILE A 268 7.35 21.24 1.19
N LEU A 269 7.79 20.02 0.89
CA LEU A 269 7.85 18.97 1.87
C LEU A 269 8.53 19.52 3.10
N ALA A 270 9.75 20.03 2.89
CA ALA A 270 10.55 20.67 3.93
C ALA A 270 9.69 21.63 4.74
N SER A 271 9.16 22.68 4.08
CA SER A 271 8.36 23.69 4.79
C SER A 271 7.28 23.06 5.64
N ILE A 272 6.60 22.05 5.10
CA ILE A 272 5.50 21.45 5.84
C ILE A 272 6.03 20.71 7.05
N GLU A 273 6.82 19.68 6.81
CA GLU A 273 7.52 18.96 7.85
C GLU A 273 8.02 19.89 8.99
N LEU A 274 8.60 21.02 8.61
CA LEU A 274 9.24 21.93 9.55
C LEU A 274 8.15 22.34 10.48
N LEU A 275 7.30 23.19 9.96
CA LEU A 275 6.29 23.78 10.78
C LEU A 275 5.45 22.72 11.46
N ALA A 276 5.60 21.45 11.06
CA ALA A 276 4.84 20.31 11.65
C ALA A 276 5.23 20.05 13.11
N ARG A 277 6.44 20.44 13.47
CA ARG A 277 6.83 20.40 14.86
C ARG A 277 6.21 21.55 15.70
N SER A 278 4.87 21.63 15.67
CA SER A 278 4.07 22.60 16.44
C SER A 278 2.66 22.08 16.53
N ASP B 7 11.17 0.01 -14.38
CA ASP B 7 12.28 -0.51 -13.51
C ASP B 7 12.44 0.16 -12.10
N TRP B 8 13.28 -0.49 -11.25
CA TRP B 8 13.16 -0.45 -9.82
C TRP B 8 14.42 -0.19 -9.06
N GLU B 9 15.51 0.13 -9.73
CA GLU B 9 16.72 0.41 -8.99
C GLU B 9 16.67 1.83 -8.53
N ILE B 10 16.91 2.03 -7.25
CA ILE B 10 16.93 3.38 -6.68
C ILE B 10 18.28 4.04 -7.01
N PRO B 11 18.21 5.24 -7.58
CA PRO B 11 19.44 5.96 -7.87
C PRO B 11 20.34 5.88 -6.64
N ASP B 12 21.62 5.58 -6.85
CA ASP B 12 22.63 5.44 -5.77
C ASP B 12 22.78 6.67 -4.87
N GLY B 13 22.97 6.43 -3.57
CA GLY B 13 23.09 7.52 -2.57
C GLY B 13 21.87 8.41 -2.27
N GLN B 14 20.65 7.86 -2.46
CA GLN B 14 19.41 8.53 -2.04
C GLN B 14 18.87 7.91 -0.78
N ILE B 15 19.15 6.64 -0.57
CA ILE B 15 18.67 5.98 0.64
C ILE B 15 19.51 6.52 1.74
N THR B 16 18.92 6.67 2.91
CA THR B 16 19.66 7.04 4.13
C THR B 16 19.14 6.11 5.19
N VAL B 17 20.02 5.72 6.10
CA VAL B 17 19.66 4.68 7.07
C VAL B 17 19.61 5.24 8.49
N GLY B 18 18.60 4.87 9.28
CA GLY B 18 18.55 5.30 10.69
C GLY B 18 18.74 4.18 11.72
N GLN B 19 17.69 3.92 12.48
CA GLN B 19 17.75 2.91 13.54
C GLN B 19 17.86 1.45 13.07
N ARG B 20 18.97 0.78 13.36
CA ARG B 20 19.00 -0.68 13.15
C ARG B 20 17.81 -1.31 13.88
N ILE B 21 17.06 -2.18 13.24
CA ILE B 21 15.98 -2.86 13.93
C ILE B 21 16.42 -4.28 14.29
N GLY B 22 17.06 -4.95 13.32
CA GLY B 22 17.47 -6.33 13.56
C GLY B 22 17.69 -7.15 12.32
N SER B 23 17.72 -8.46 12.52
CA SER B 23 18.10 -9.33 11.46
C SER B 23 16.89 -9.75 10.61
N GLY B 24 17.13 -9.98 9.31
CA GLY B 24 16.08 -10.29 8.36
C GLY B 24 16.16 -11.58 7.56
N SER B 25 17.29 -11.91 6.95
CA SER B 25 17.39 -13.22 6.27
C SER B 25 18.63 -13.28 5.38
N PHE B 26 18.59 -12.53 4.30
CA PHE B 26 19.81 -12.29 3.64
C PHE B 26 20.51 -11.11 4.43
N GLY B 27 19.82 -10.42 5.34
CA GLY B 27 20.49 -9.27 5.99
C GLY B 27 19.89 -8.55 7.21
N THR B 28 20.16 -7.24 7.29
CA THR B 28 19.84 -6.45 8.47
C THR B 28 18.80 -5.37 8.16
N VAL B 29 17.82 -5.23 9.07
CA VAL B 29 16.70 -4.29 8.91
C VAL B 29 16.95 -2.98 9.65
N TYR B 30 16.74 -1.85 8.96
CA TYR B 30 16.94 -0.47 9.50
C TYR B 30 15.70 0.42 9.29
N LYS B 31 15.49 1.40 10.13
CA LYS B 31 14.52 2.40 9.75
C LYS B 31 15.31 3.42 8.94
N GLY B 32 14.63 4.08 8.00
CA GLY B 32 15.26 4.80 6.88
C GLY B 32 14.43 5.81 6.10
N LYS B 33 15.09 6.45 5.16
CA LYS B 33 14.49 7.58 4.52
C LYS B 33 14.76 7.57 3.05
N TRP B 34 13.71 7.29 2.27
CA TRP B 34 13.68 7.44 0.82
C TRP B 34 12.24 7.75 0.51
N HIS B 35 11.97 9.00 0.20
CA HIS B 35 10.63 9.58 0.00
C HIS B 35 9.66 9.42 1.16
N GLY B 36 10.19 9.64 2.36
CA GLY B 36 9.47 9.38 3.60
C GLY B 36 10.09 8.17 4.30
N ASP B 37 9.64 7.86 5.53
CA ASP B 37 9.91 6.58 6.22
C ASP B 37 9.89 5.27 5.36
N VAL B 38 10.95 4.45 5.42
CA VAL B 38 10.96 3.21 4.66
C VAL B 38 11.68 2.26 5.48
N ALA B 39 11.21 1.04 5.52
CA ALA B 39 11.99 0.04 6.15
C ALA B 39 12.91 -0.43 5.05
N VAL B 40 14.19 -0.60 5.41
CA VAL B 40 15.29 -0.92 4.48
C VAL B 40 15.98 -2.10 5.03
N LYS B 41 16.17 -3.15 4.21
CA LYS B 41 16.93 -4.35 4.58
C LYS B 41 18.16 -4.47 3.72
N MET B 42 19.35 -4.54 4.34
CA MET B 42 20.61 -4.62 3.57
C MET B 42 21.70 -5.53 4.12
N LEU B 43 22.76 -5.73 3.32
CA LEU B 43 23.86 -6.64 3.70
C LEU B 43 24.97 -6.20 4.66
N ASN B 44 25.41 -4.96 4.69
CA ASN B 44 26.48 -4.63 5.68
C ASN B 44 27.90 -5.17 5.39
N VAL B 45 27.97 -6.45 5.08
CA VAL B 45 29.01 -6.99 4.23
C VAL B 45 29.47 -6.00 3.14
N THR B 46 30.73 -6.11 2.75
CA THR B 46 31.27 -5.17 1.75
C THR B 46 32.21 -5.98 0.86
N ALA B 47 31.85 -6.09 -0.42
CA ALA B 47 32.20 -7.22 -1.30
C ALA B 47 31.42 -8.48 -0.81
N PRO B 48 30.34 -8.85 -1.52
CA PRO B 48 29.64 -10.06 -1.16
C PRO B 48 29.91 -11.27 -2.06
N THR B 49 29.49 -12.45 -1.61
CA THR B 49 29.44 -13.70 -2.40
C THR B 49 28.59 -13.62 -3.66
N PRO B 50 28.93 -14.41 -4.66
CA PRO B 50 27.91 -14.85 -5.66
C PRO B 50 26.65 -15.56 -5.08
N GLN B 51 26.72 -16.13 -3.88
CA GLN B 51 25.56 -16.77 -3.27
C GLN B 51 24.74 -15.68 -2.63
N GLN B 52 25.37 -14.91 -1.78
CA GLN B 52 24.70 -13.74 -1.21
C GLN B 52 24.09 -12.85 -2.30
N LEU B 53 24.85 -12.58 -3.35
CA LEU B 53 24.35 -11.76 -4.44
C LEU B 53 23.24 -12.47 -5.24
N GLN B 54 23.25 -13.81 -5.23
CA GLN B 54 22.17 -14.56 -5.85
C GLN B 54 20.85 -14.46 -5.11
N ALA B 55 20.93 -14.61 -3.79
CA ALA B 55 19.78 -14.47 -2.90
C ALA B 55 19.05 -13.12 -3.05
N PHE B 56 19.79 -12.05 -3.28
CA PHE B 56 19.21 -10.73 -3.42
C PHE B 56 18.48 -10.60 -4.73
N LYS B 57 19.11 -11.04 -5.80
CA LYS B 57 18.41 -11.17 -7.08
C LYS B 57 17.13 -12.00 -6.91
N ASN B 58 17.19 -13.05 -6.11
CA ASN B 58 16.00 -13.85 -5.87
C ASN B 58 14.81 -13.21 -5.20
N GLU B 59 15.09 -12.53 -4.10
CA GLU B 59 14.08 -11.82 -3.35
C GLU B 59 13.45 -10.79 -4.28
N VAL B 60 14.27 -9.87 -4.75
CA VAL B 60 13.83 -8.86 -5.64
C VAL B 60 12.97 -9.44 -6.77
N GLY B 61 13.48 -10.41 -7.49
CA GLY B 61 12.68 -11.03 -8.56
C GLY B 61 11.28 -11.48 -8.16
N VAL B 62 11.16 -11.92 -6.90
CA VAL B 62 9.84 -12.16 -6.25
C VAL B 62 9.05 -10.88 -5.87
N LEU B 63 9.63 -10.07 -4.97
CA LEU B 63 8.98 -8.88 -4.55
C LEU B 63 8.49 -8.17 -5.78
N ARG B 64 9.38 -7.89 -6.72
CA ARG B 64 8.94 -7.21 -7.95
C ARG B 64 7.60 -7.69 -8.45
N LYS B 65 7.20 -8.94 -8.19
CA LYS B 65 5.90 -9.47 -8.71
C LYS B 65 4.62 -9.18 -7.86
N THR B 66 4.74 -8.35 -6.82
CA THR B 66 3.66 -8.21 -5.82
C THR B 66 3.15 -6.80 -5.67
N ARG B 67 1.85 -6.67 -5.62
CA ARG B 67 1.23 -5.37 -5.48
C ARG B 67 -0.12 -5.78 -5.00
N HIS B 68 -0.25 -5.68 -3.70
CA HIS B 68 -1.48 -6.08 -3.03
C HIS B 68 -1.47 -5.64 -1.57
N VAL B 69 -2.44 -4.80 -1.14
CA VAL B 69 -2.49 -4.29 0.29
C VAL B 69 -2.01 -5.26 1.31
N ASN B 70 -2.23 -6.54 1.10
CA ASN B 70 -1.94 -7.50 2.14
C ASN B 70 -0.57 -8.09 2.07
N ILE B 71 0.32 -7.39 1.32
CA ILE B 71 1.70 -7.79 1.12
C ILE B 71 2.65 -6.61 1.23
N LEU B 72 3.42 -6.54 2.31
CA LEU B 72 4.50 -5.56 2.42
C LEU B 72 4.96 -4.95 1.06
N LEU B 73 4.70 -3.66 0.90
CA LEU B 73 4.86 -3.06 -0.37
C LEU B 73 6.34 -2.88 -0.69
N PHE B 74 6.86 -3.69 -1.63
CA PHE B 74 8.23 -3.53 -2.17
C PHE B 74 8.25 -2.24 -2.93
N MET B 75 9.28 -1.45 -2.67
CA MET B 75 9.30 -0.09 -3.12
C MET B 75 10.36 0.22 -4.12
N GLY B 76 11.45 -0.60 -4.13
CA GLY B 76 12.71 -0.44 -4.90
C GLY B 76 13.98 -1.06 -4.29
N TYR B 77 14.95 -1.51 -5.10
CA TYR B 77 16.28 -2.05 -4.62
C TYR B 77 17.43 -1.12 -4.87
N SER B 78 18.64 -1.58 -4.52
CA SER B 78 19.91 -0.85 -4.70
C SER B 78 21.04 -1.80 -4.36
N THR B 79 22.23 -1.49 -4.88
CA THR B 79 23.30 -2.46 -5.00
C THR B 79 24.55 -1.84 -4.44
N LYS B 80 25.14 -0.89 -5.19
CA LYS B 80 26.21 0.02 -4.68
C LYS B 80 25.45 1.14 -3.90
N PRO B 81 25.93 1.60 -2.74
CA PRO B 81 27.17 1.40 -2.00
C PRO B 81 27.16 -0.06 -1.64
N GLN B 82 26.14 -0.50 -0.91
CA GLN B 82 25.94 -1.90 -0.66
C GLN B 82 24.47 -2.26 -0.77
N LEU B 83 24.22 -3.56 -0.66
CA LEU B 83 23.04 -4.22 -1.24
C LEU B 83 21.74 -4.15 -0.47
N ALA B 84 20.76 -3.37 -0.90
CA ALA B 84 19.53 -3.26 -0.07
C ALA B 84 18.16 -3.28 -0.75
N ILE B 85 17.16 -3.73 0.02
CA ILE B 85 15.82 -3.86 -0.49
C ILE B 85 14.94 -2.92 0.28
N VAL B 86 14.01 -2.23 -0.38
CA VAL B 86 13.31 -1.15 0.31
C VAL B 86 11.81 -1.28 0.33
N THR B 87 11.20 -1.31 1.51
CA THR B 87 9.75 -1.31 1.52
C THR B 87 9.19 -0.16 2.30
N GLN B 88 7.93 0.16 2.06
CA GLN B 88 7.19 1.06 2.93
C GLN B 88 7.49 0.85 4.42
N TRP B 89 7.61 1.92 5.20
CA TRP B 89 7.75 1.72 6.64
C TRP B 89 6.40 1.34 7.34
N CYS B 90 6.37 0.22 8.09
CA CYS B 90 5.18 -0.13 8.88
C CYS B 90 5.10 0.42 10.25
N GLU B 91 4.01 1.14 10.43
CA GLU B 91 3.60 1.69 11.72
C GLU B 91 3.18 0.60 12.72
N GLY B 92 3.79 0.61 13.89
CA GLY B 92 3.53 -0.43 14.86
C GLY B 92 4.13 -1.70 14.34
N SER B 93 3.88 -2.79 15.04
CA SER B 93 4.83 -3.92 15.06
C SER B 93 4.40 -5.16 14.26
N SER B 94 5.27 -6.17 14.20
CA SER B 94 4.93 -7.53 13.79
C SER B 94 3.87 -8.12 14.69
N LEU B 95 3.26 -9.19 14.22
CA LEU B 95 2.26 -9.86 14.99
C LEU B 95 2.87 -10.58 16.19
N TYR B 96 4.03 -11.15 15.97
CA TYR B 96 4.79 -11.76 17.04
C TYR B 96 4.96 -10.72 18.13
N HIS B 97 5.59 -9.59 17.82
CA HIS B 97 5.89 -8.58 18.82
C HIS B 97 4.65 -8.27 19.61
N HIS B 98 3.52 -8.10 18.90
CA HIS B 98 2.21 -7.89 19.53
C HIS B 98 1.85 -9.05 20.44
N LEU B 99 1.94 -10.29 19.94
CA LEU B 99 1.32 -11.40 20.67
C LEU B 99 2.06 -11.82 21.89
N HIS B 100 3.38 -11.87 21.84
CA HIS B 100 4.11 -12.49 22.91
C HIS B 100 5.16 -11.59 23.49
N ILE B 101 5.27 -10.39 22.98
CA ILE B 101 6.22 -9.51 23.56
C ILE B 101 5.54 -8.41 24.32
N ILE B 102 4.61 -7.69 23.70
CA ILE B 102 3.99 -6.59 24.40
C ILE B 102 2.56 -6.91 24.80
N GLU B 103 2.14 -8.15 24.51
CA GLU B 103 0.90 -8.71 24.99
C GLU B 103 -0.35 -7.90 24.70
N THR B 104 -0.63 -7.56 23.44
CA THR B 104 -1.92 -6.93 23.18
C THR B 104 -3.04 -7.93 23.35
N LYS B 105 -4.16 -7.47 23.87
CA LYS B 105 -5.30 -8.38 23.93
C LYS B 105 -6.32 -7.80 22.97
N PHE B 106 -6.11 -8.09 21.67
CA PHE B 106 -7.10 -7.74 20.63
C PHE B 106 -8.39 -8.43 20.92
N GLU B 107 -9.49 -7.73 20.70
CA GLU B 107 -10.82 -8.32 20.64
C GLU B 107 -10.80 -9.58 19.76
N MET B 108 -11.70 -10.51 20.00
CA MET B 108 -11.83 -11.62 19.08
C MET B 108 -12.07 -11.14 17.66
N ILE B 109 -12.92 -10.12 17.49
CA ILE B 109 -13.32 -9.76 16.10
C ILE B 109 -12.08 -9.48 15.24
N LYS B 110 -11.20 -8.64 15.77
CA LYS B 110 -10.01 -8.23 15.07
C LYS B 110 -9.09 -9.43 14.80
N LEU B 111 -8.94 -10.33 15.77
CA LEU B 111 -8.18 -11.55 15.54
C LEU B 111 -8.69 -12.24 14.26
N ILE B 112 -10.03 -12.24 14.05
CA ILE B 112 -10.60 -12.85 12.84
C ILE B 112 -10.25 -12.00 11.61
N ASP B 113 -10.07 -10.69 11.80
CA ASP B 113 -9.74 -9.87 10.63
C ASP B 113 -8.32 -10.09 10.16
N ILE B 114 -7.40 -10.13 11.13
CA ILE B 114 -5.99 -10.41 10.87
C ILE B 114 -5.82 -11.65 10.00
N ALA B 115 -6.58 -12.68 10.37
CA ALA B 115 -6.45 -13.99 9.78
C ALA B 115 -7.07 -13.93 8.39
N ARG B 116 -8.22 -13.28 8.26
CA ARG B 116 -8.79 -12.99 6.95
C ARG B 116 -7.75 -12.33 6.08
N GLN B 117 -7.10 -11.28 6.58
CA GLN B 117 -6.17 -10.51 5.77
C GLN B 117 -4.93 -11.33 5.42
N THR B 118 -4.42 -12.01 6.43
CA THR B 118 -3.27 -12.83 6.24
C THR B 118 -3.58 -13.82 5.15
N ALA B 119 -4.75 -14.45 5.24
CA ALA B 119 -5.07 -15.49 4.31
C ALA B 119 -5.32 -14.79 3.00
N GLN B 120 -5.94 -13.62 3.07
CA GLN B 120 -6.16 -12.91 1.81
C GLN B 120 -4.80 -12.81 1.09
N GLY B 121 -3.79 -12.28 1.77
CA GLY B 121 -2.49 -12.10 1.18
C GLY B 121 -1.72 -13.33 0.72
N MET B 122 -1.91 -14.47 1.39
CA MET B 122 -1.35 -15.74 0.90
C MET B 122 -2.05 -16.23 -0.38
N ASP B 123 -3.34 -15.91 -0.50
CA ASP B 123 -4.05 -16.31 -1.68
C ASP B 123 -3.53 -15.57 -2.92
N TYR B 124 -3.00 -14.36 -2.71
CA TYR B 124 -2.37 -13.59 -3.78
C TYR B 124 -1.15 -14.36 -4.27
N LEU B 125 -0.33 -14.72 -3.29
CA LEU B 125 0.90 -15.37 -3.56
C LEU B 125 0.78 -16.70 -4.27
N HIS B 126 -0.12 -17.55 -3.77
CA HIS B 126 -0.16 -18.90 -4.34
C HIS B 126 -0.77 -18.86 -5.72
N ALA B 127 -1.79 -18.01 -5.90
CA ALA B 127 -2.30 -17.77 -7.25
C ALA B 127 -1.26 -17.29 -8.28
N LYS B 128 -0.06 -16.85 -7.83
CA LYS B 128 1.08 -16.57 -8.72
C LYS B 128 2.27 -17.56 -8.51
N SER B 129 1.99 -18.68 -7.84
CA SER B 129 3.02 -19.72 -7.55
C SER B 129 4.25 -19.14 -6.80
N ILE B 130 3.97 -18.31 -5.79
CA ILE B 130 5.01 -17.95 -4.84
C ILE B 130 4.73 -18.74 -3.62
N ILE B 131 5.71 -19.47 -3.12
CA ILE B 131 5.60 -20.07 -1.80
C ILE B 131 6.65 -19.41 -0.95
N HIS B 132 6.18 -18.90 0.16
CA HIS B 132 6.91 -17.96 0.96
C HIS B 132 8.08 -18.64 1.63
N ARG B 133 7.73 -19.77 2.22
CA ARG B 133 8.59 -20.59 3.07
C ARG B 133 8.97 -20.12 4.48
N ASP B 134 8.59 -18.93 4.85
CA ASP B 134 8.93 -18.52 6.20
C ASP B 134 7.76 -17.74 6.80
N LEU B 135 6.54 -18.15 6.48
CA LEU B 135 5.44 -17.44 7.03
C LEU B 135 5.32 -17.83 8.47
N LYS B 136 5.54 -16.84 9.32
CA LYS B 136 5.43 -16.92 10.76
C LYS B 136 5.04 -15.52 11.23
N SER B 137 4.55 -15.38 12.45
CA SER B 137 4.00 -14.11 12.87
C SER B 137 5.04 -13.00 12.98
N ASN B 138 6.28 -13.31 12.61
CA ASN B 138 7.30 -12.31 12.74
C ASN B 138 7.41 -11.74 11.41
N ASN B 139 7.02 -12.49 10.40
CA ASN B 139 6.99 -11.91 9.08
C ASN B 139 5.66 -11.23 8.74
N ILE B 140 4.77 -11.06 9.72
CA ILE B 140 3.47 -10.37 9.54
C ILE B 140 3.38 -8.97 10.18
N PHE B 141 3.47 -7.91 9.39
CA PHE B 141 3.46 -6.55 10.00
C PHE B 141 2.10 -5.93 9.85
N LEU B 142 1.62 -5.54 11.01
CA LEU B 142 0.32 -5.01 11.16
C LEU B 142 0.44 -3.47 11.12
N HIS B 143 0.22 -2.91 9.94
CA HIS B 143 0.44 -1.49 9.66
C HIS B 143 -0.64 -0.53 10.12
N GLU B 144 -0.17 0.66 10.48
CA GLU B 144 -0.98 1.68 11.17
C GLU B 144 -2.14 1.04 11.96
N ASP B 145 -1.73 0.03 12.77
CA ASP B 145 -2.54 -0.95 13.55
C ASP B 145 -3.78 -1.63 12.92
N LEU B 146 -4.05 -1.40 11.63
CA LEU B 146 -5.30 -1.89 11.03
C LEU B 146 -5.14 -2.94 9.90
N THR B 147 -3.93 -3.06 9.37
CA THR B 147 -3.77 -3.83 8.15
C THR B 147 -2.56 -4.70 8.17
N VAL B 148 -2.79 -5.97 7.84
CA VAL B 148 -1.76 -6.96 7.64
C VAL B 148 -0.92 -6.69 6.37
N LYS B 149 0.41 -6.84 6.53
CA LYS B 149 1.42 -6.89 5.44
C LYS B 149 2.42 -8.08 5.58
N ILE B 150 2.62 -8.84 4.53
CA ILE B 150 3.40 -10.04 4.72
C ILE B 150 4.85 -9.79 4.27
N GLY B 151 5.81 -10.07 5.13
CA GLY B 151 7.17 -9.69 4.83
C GLY B 151 8.19 -10.79 4.55
N ASP B 152 9.43 -10.32 4.43
CA ASP B 152 10.56 -11.16 4.15
C ASP B 152 10.37 -12.18 3.04
N PHE B 153 10.71 -11.80 1.85
CA PHE B 153 10.67 -12.83 0.88
C PHE B 153 12.07 -13.34 0.67
N GLY B 154 12.87 -13.26 1.73
CA GLY B 154 14.22 -13.78 1.71
C GLY B 154 14.27 -15.16 1.07
N LEU B 155 13.42 -16.04 1.56
CA LEU B 155 13.41 -17.47 1.25
C LEU B 155 12.23 -17.92 0.40
N ALA B 156 11.65 -16.98 -0.35
CA ALA B 156 10.47 -17.27 -1.17
C ALA B 156 10.86 -17.90 -2.50
N THR B 157 9.88 -18.31 -3.27
CA THR B 157 10.25 -19.09 -4.42
C THR B 157 9.11 -19.16 -5.39
N VAL B 158 9.42 -19.63 -6.62
CA VAL B 158 8.40 -19.97 -7.62
C VAL B 158 8.42 -21.43 -8.15
N SER B 172 17.55 -23.45 7.87
CA SER B 172 16.62 -22.55 7.17
C SER B 172 15.42 -21.93 7.95
N GLY B 173 15.71 -21.22 9.04
CA GLY B 173 14.70 -20.39 9.69
C GLY B 173 14.10 -20.88 11.00
N SER B 174 12.75 -20.76 11.09
CA SER B 174 11.94 -20.77 12.34
C SER B 174 11.08 -22.04 12.65
N ILE B 175 11.68 -22.92 13.44
CA ILE B 175 11.14 -24.24 13.85
C ILE B 175 9.66 -24.40 14.07
N LEU B 176 9.05 -23.41 14.72
CA LEU B 176 7.76 -23.62 15.32
C LEU B 176 6.71 -23.57 14.28
N TRP B 177 7.06 -23.20 13.08
CA TRP B 177 6.03 -23.09 12.07
C TRP B 177 6.23 -24.10 10.96
N MET B 178 7.07 -25.11 11.17
CA MET B 178 7.33 -26.03 10.08
C MET B 178 6.48 -27.25 10.13
N ALA B 179 5.93 -27.60 8.98
CA ALA B 179 5.16 -28.80 8.83
C ALA B 179 6.05 -29.98 9.13
N PRO B 180 5.48 -31.03 9.68
CA PRO B 180 6.22 -32.29 9.90
C PRO B 180 7.10 -32.69 8.71
N GLU B 181 6.55 -32.71 7.50
CA GLU B 181 7.33 -33.07 6.28
C GLU B 181 8.56 -32.20 6.02
N VAL B 182 8.40 -30.92 6.35
CA VAL B 182 9.41 -29.91 6.11
C VAL B 182 10.52 -30.22 7.07
N ILE B 183 10.17 -30.24 8.37
CA ILE B 183 11.06 -30.74 9.46
C ILE B 183 11.72 -32.09 9.13
N ARG B 184 10.93 -33.11 8.89
CA ARG B 184 11.49 -34.39 8.53
C ARG B 184 12.65 -34.20 7.58
N MET B 185 12.37 -33.54 6.46
CA MET B 185 13.29 -33.43 5.33
C MET B 185 13.23 -34.73 4.56
N GLN B 186 12.06 -34.97 4.03
CA GLN B 186 11.93 -35.76 2.84
C GLN B 186 12.66 -34.98 1.73
N ASP B 187 13.17 -35.68 0.71
CA ASP B 187 14.01 -35.12 -0.43
C ASP B 187 14.71 -33.72 -0.30
N LYS B 188 15.06 -33.11 -1.45
CA LYS B 188 15.59 -31.73 -1.43
C LYS B 188 14.47 -30.69 -1.21
N ASN B 189 13.22 -31.17 -1.19
CA ASN B 189 12.07 -30.28 -1.28
C ASN B 189 10.72 -30.80 -0.77
N PRO B 190 10.41 -30.51 0.51
CA PRO B 190 9.16 -30.71 1.21
C PRO B 190 8.24 -29.52 1.14
N TYR B 191 8.78 -28.42 0.68
CA TYR B 191 8.08 -27.14 0.56
C TYR B 191 7.02 -27.21 -0.55
N SER B 192 5.85 -26.63 -0.26
CA SER B 192 4.62 -26.76 -1.06
C SER B 192 3.63 -25.74 -0.53
N PHE B 193 2.59 -25.39 -1.32
CA PHE B 193 1.46 -24.65 -0.75
C PHE B 193 1.08 -25.26 0.61
N GLN B 194 0.82 -26.57 0.67
CA GLN B 194 0.38 -27.17 1.93
C GLN B 194 1.28 -26.93 3.17
N SER B 195 2.59 -26.83 2.90
CA SER B 195 3.54 -26.49 3.94
C SER B 195 3.27 -25.05 4.38
N ASP B 196 2.97 -24.16 3.43
CA ASP B 196 2.57 -22.80 3.78
C ASP B 196 1.28 -22.73 4.61
N VAL B 197 0.29 -23.49 4.18
CA VAL B 197 -0.95 -23.62 4.95
C VAL B 197 -0.62 -24.06 6.39
N TYR B 198 0.23 -25.08 6.51
CA TYR B 198 0.56 -25.52 7.83
C TYR B 198 0.92 -24.33 8.69
N ALA B 199 1.77 -23.45 8.16
CA ALA B 199 2.26 -22.31 8.92
C ALA B 199 1.10 -21.40 9.31
N PHE B 200 0.31 -21.02 8.31
CA PHE B 200 -0.88 -20.23 8.60
C PHE B 200 -1.60 -20.81 9.84
N GLY B 201 -1.65 -22.16 9.92
CA GLY B 201 -2.23 -22.89 11.06
C GLY B 201 -1.71 -22.46 12.40
N ILE B 202 -0.39 -22.33 12.45
CA ILE B 202 0.30 -21.97 13.68
C ILE B 202 0.05 -20.54 13.96
N VAL B 203 -0.09 -19.77 12.90
CA VAL B 203 -0.56 -18.42 13.05
C VAL B 203 -2.00 -18.39 13.59
N LEU B 204 -2.94 -19.04 12.92
CA LEU B 204 -4.27 -19.29 13.56
C LEU B 204 -4.12 -19.69 15.06
N TYR B 205 -3.23 -20.64 15.32
CA TYR B 205 -2.97 -20.98 16.70
C TYR B 205 -2.63 -19.73 17.50
N GLU B 206 -1.50 -19.12 17.20
CA GLU B 206 -1.08 -17.88 17.85
C GLU B 206 -2.25 -16.90 18.17
N LEU B 207 -3.02 -16.52 17.16
CA LEU B 207 -4.14 -15.58 17.35
C LEU B 207 -5.14 -16.12 18.39
N MET B 208 -5.66 -17.32 18.14
CA MET B 208 -6.71 -17.91 18.98
C MET B 208 -6.29 -18.28 20.44
N THR B 209 -5.00 -18.27 20.73
CA THR B 209 -4.57 -18.80 22.02
C THR B 209 -3.88 -17.69 22.78
N GLY B 210 -3.28 -16.81 22.03
CA GLY B 210 -2.49 -15.77 22.61
C GLY B 210 -1.09 -16.25 22.87
N GLN B 211 -0.73 -17.51 22.58
CA GLN B 211 0.65 -18.02 22.84
C GLN B 211 1.25 -18.84 21.70
N LEU B 212 2.54 -19.09 21.81
CA LEU B 212 3.20 -20.03 20.93
C LEU B 212 2.74 -21.48 21.20
N PRO B 213 2.73 -22.32 20.16
CA PRO B 213 2.39 -23.74 20.43
C PRO B 213 3.49 -24.36 21.28
N TYR B 214 3.14 -25.34 22.13
CA TYR B 214 4.11 -26.11 22.89
C TYR B 214 4.82 -25.39 24.06
N SER B 215 4.18 -24.38 24.64
CA SER B 215 4.78 -23.50 25.63
C SER B 215 5.09 -24.13 27.03
N ASN B 216 4.60 -25.33 27.27
CA ASN B 216 4.94 -26.02 28.50
C ASN B 216 6.21 -26.87 28.36
N ILE B 217 6.67 -27.03 27.10
CA ILE B 217 7.92 -27.74 26.79
C ILE B 217 9.03 -26.76 26.53
N ASN B 218 10.15 -26.94 27.20
CA ASN B 218 11.33 -26.25 26.72
C ASN B 218 12.41 -27.21 26.35
N ASN B 219 12.45 -27.54 25.08
CA ASN B 219 13.51 -28.37 24.65
C ASN B 219 13.54 -28.32 23.15
N ARG B 220 13.82 -27.12 22.62
CA ARG B 220 13.82 -26.91 21.19
C ARG B 220 13.77 -28.28 20.54
N ASP B 221 14.92 -28.97 20.62
CA ASP B 221 15.09 -30.38 20.29
C ASP B 221 13.81 -31.22 20.23
N GLN B 222 13.11 -31.22 21.35
CA GLN B 222 12.11 -32.22 21.54
C GLN B 222 10.94 -31.92 20.65
N ILE B 223 10.70 -30.64 20.47
CA ILE B 223 9.63 -30.16 19.66
C ILE B 223 9.95 -30.52 18.22
N ILE B 224 11.19 -30.32 17.82
CA ILE B 224 11.65 -30.80 16.52
C ILE B 224 11.36 -32.29 16.30
N PHE B 225 11.89 -33.09 17.22
CA PHE B 225 11.79 -34.51 17.08
C PHE B 225 10.33 -34.92 17.13
N MET B 226 9.59 -34.31 18.05
CA MET B 226 8.26 -34.81 18.32
C MET B 226 7.28 -34.32 17.32
N VAL B 227 7.51 -33.15 16.78
CA VAL B 227 6.67 -32.76 15.65
C VAL B 227 7.11 -33.64 14.50
N GLY B 228 8.42 -33.79 14.35
CA GLY B 228 9.01 -34.66 13.34
C GLY B 228 8.41 -36.05 13.21
N ARG B 229 8.07 -36.62 14.35
CA ARG B 229 7.58 -37.97 14.28
C ARG B 229 6.08 -38.02 14.46
N GLY B 230 5.46 -36.86 14.42
CA GLY B 230 4.02 -36.75 14.52
C GLY B 230 3.56 -37.14 15.91
N TYR B 231 4.47 -37.06 16.88
CA TYR B 231 4.14 -37.43 18.27
C TYR B 231 3.43 -36.29 18.96
N LEU B 232 3.85 -35.09 18.57
CA LEU B 232 3.40 -33.88 19.16
C LEU B 232 2.68 -33.05 18.11
N SER B 233 1.57 -32.45 18.53
CA SER B 233 0.82 -31.54 17.68
C SER B 233 0.17 -30.47 18.55
N PRO B 234 -0.13 -29.28 18.00
CA PRO B 234 -0.72 -28.21 18.86
C PRO B 234 -2.03 -28.62 19.51
N ASP B 235 -2.20 -28.18 20.77
CA ASP B 235 -3.34 -28.49 21.69
C ASP B 235 -4.43 -27.44 21.50
N LEU B 236 -5.53 -27.84 20.88
CA LEU B 236 -6.47 -26.86 20.36
C LEU B 236 -7.54 -26.31 21.32
N SER B 237 -7.52 -26.82 22.55
CA SER B 237 -8.54 -26.55 23.51
C SER B 237 -7.94 -25.47 24.33
N LYS B 238 -7.15 -24.64 23.69
CA LYS B 238 -6.44 -23.64 24.42
C LYS B 238 -6.74 -22.38 23.73
N VAL B 239 -7.83 -22.37 22.98
CA VAL B 239 -8.23 -21.17 22.29
C VAL B 239 -9.15 -20.41 23.21
N ARG B 240 -9.24 -19.10 23.02
CA ARG B 240 -10.17 -18.29 23.81
C ARG B 240 -11.60 -18.84 23.61
N SER B 241 -12.46 -18.54 24.57
CA SER B 241 -13.74 -19.23 24.63
C SER B 241 -14.65 -18.79 23.52
N ASN B 242 -14.54 -17.53 23.13
CA ASN B 242 -15.36 -17.02 22.05
C ASN B 242 -14.85 -17.35 20.63
N CYS B 243 -13.72 -18.03 20.50
CA CYS B 243 -13.25 -18.37 19.17
C CYS B 243 -14.29 -19.33 18.61
N PRO B 244 -14.94 -19.01 17.48
CA PRO B 244 -15.84 -19.95 16.82
C PRO B 244 -15.41 -21.42 16.61
N LYS B 245 -16.35 -22.32 16.87
CA LYS B 245 -16.30 -23.67 16.34
C LYS B 245 -15.70 -23.61 14.95
N ALA B 246 -16.28 -22.83 14.04
CA ALA B 246 -15.81 -22.92 12.66
C ALA B 246 -14.31 -22.74 12.57
N MET B 247 -13.81 -21.73 13.28
CA MET B 247 -12.39 -21.39 13.30
C MET B 247 -11.55 -22.55 13.82
N LYS B 248 -11.93 -23.11 14.96
CA LYS B 248 -11.34 -24.36 15.42
C LYS B 248 -11.35 -25.45 14.33
N ARG B 249 -12.48 -25.73 13.69
CA ARG B 249 -12.47 -26.75 12.67
C ARG B 249 -11.41 -26.41 11.57
N LEU B 250 -11.20 -25.11 11.33
CA LEU B 250 -10.22 -24.64 10.34
C LEU B 250 -8.72 -24.96 10.66
N MET B 251 -8.24 -24.44 11.78
CA MET B 251 -6.98 -24.82 12.31
C MET B 251 -6.79 -26.33 12.25
N ALA B 252 -7.82 -27.06 12.69
CA ALA B 252 -7.80 -28.51 12.67
C ALA B 252 -7.50 -28.96 11.26
N GLU B 253 -8.26 -28.45 10.30
CA GLU B 253 -7.98 -28.79 8.92
C GLU B 253 -6.59 -28.22 8.49
N CYS B 254 -6.28 -26.99 8.86
CA CYS B 254 -4.99 -26.39 8.48
C CYS B 254 -3.75 -27.07 8.95
N LEU B 255 -3.78 -27.53 10.19
CA LEU B 255 -2.66 -28.17 10.84
C LEU B 255 -2.63 -29.68 10.63
N LYS B 256 -3.44 -30.21 9.72
CA LYS B 256 -3.49 -31.67 9.60
C LYS B 256 -2.05 -32.15 9.31
N LYS B 257 -1.63 -33.23 9.97
CA LYS B 257 -0.25 -33.76 9.89
C LYS B 257 0.14 -34.20 8.49
N LYS B 258 -0.73 -34.92 7.79
CA LYS B 258 -0.43 -35.39 6.42
C LYS B 258 -0.52 -34.21 5.46
N ARG B 259 0.50 -34.01 4.63
CA ARG B 259 0.52 -32.83 3.75
C ARG B 259 -0.83 -32.65 3.04
N ASP B 260 -1.33 -33.74 2.48
CA ASP B 260 -2.47 -33.79 1.57
C ASP B 260 -3.89 -33.49 2.06
N GLU B 261 -4.14 -33.68 3.33
CA GLU B 261 -5.50 -33.45 3.79
C GLU B 261 -5.58 -32.03 4.25
N ARG B 262 -4.60 -31.24 3.83
CA ARG B 262 -4.63 -29.81 4.11
C ARG B 262 -5.39 -29.11 3.03
N PRO B 263 -6.27 -28.17 3.46
CA PRO B 263 -7.09 -27.24 2.67
C PRO B 263 -6.20 -26.23 1.98
N LEU B 264 -6.58 -25.74 0.81
CA LEU B 264 -5.87 -24.62 0.21
C LEU B 264 -6.50 -23.27 0.46
N PHE B 265 -5.73 -22.22 0.21
CA PHE B 265 -6.16 -20.87 0.57
C PHE B 265 -7.50 -20.37 0.05
N PRO B 266 -7.84 -20.67 -1.22
CA PRO B 266 -9.17 -20.19 -1.59
C PRO B 266 -10.24 -20.82 -0.67
N GLN B 267 -10.19 -22.15 -0.51
CA GLN B 267 -11.05 -22.80 0.45
C GLN B 267 -10.88 -22.21 1.86
N ILE B 268 -9.65 -21.91 2.27
CA ILE B 268 -9.39 -21.27 3.59
C ILE B 268 -10.06 -19.88 3.73
N LEU B 269 -9.85 -19.02 2.72
CA LEU B 269 -10.41 -17.68 2.68
C LEU B 269 -11.92 -17.76 2.72
N ALA B 270 -12.51 -18.59 1.85
CA ALA B 270 -13.93 -18.99 1.91
C ALA B 270 -14.38 -19.21 3.34
N SER B 271 -13.88 -20.29 3.95
CA SER B 271 -14.24 -20.61 5.33
C SER B 271 -14.17 -19.43 6.29
N ILE B 272 -13.07 -18.65 6.28
CA ILE B 272 -12.91 -17.52 7.21
C ILE B 272 -13.92 -16.46 6.92
N GLU B 273 -14.17 -16.23 5.63
CA GLU B 273 -15.08 -15.18 5.21
C GLU B 273 -16.48 -15.55 5.60
N LEU B 274 -16.98 -16.69 5.16
CA LEU B 274 -18.23 -17.18 5.70
C LEU B 274 -18.24 -16.90 7.18
N LEU B 275 -17.53 -17.72 7.95
CA LEU B 275 -17.61 -17.69 9.41
C LEU B 275 -17.54 -16.30 10.12
N ALA B 276 -17.12 -15.26 9.39
CA ALA B 276 -17.09 -13.92 9.97
C ALA B 276 -18.52 -13.36 10.00
N ARG B 277 -19.21 -13.37 8.84
CA ARG B 277 -20.65 -13.10 8.80
C ARG B 277 -21.34 -13.48 10.10
N SER B 278 -21.33 -14.77 10.42
CA SER B 278 -22.09 -15.31 11.56
C SER B 278 -21.47 -14.97 12.91
C3 215 C . -12.56 6.75 -7.54
C5 215 C . -14.41 7.76 -6.95
C6 215 C . -15.69 8.61 -7.00
C21 215 C . -16.20 9.13 -8.22
C23 215 C . -20.68 10.55 -6.88
C31 215 C . -8.64 3.04 -10.52
C32 215 C . -8.47 4.51 -10.89
O34 215 C . -7.33 6.16 -12.11
N33 215 C . -7.58 4.85 -11.72
C30 215 C . -9.72 3.02 -9.44
C29 215 C . -10.15 4.48 -9.30
C9 215 C . -11.15 4.96 -8.47
C28 215 C . -9.46 5.34 -10.13
C10 215 C . -9.75 6.71 -10.14
C11 215 C . -10.77 7.20 -9.28
C8 215 C . -11.44 6.32 -8.43
C2 215 C . -12.84 6.33 -6.24
C7 215 C . -12.08 5.33 -5.35
C16 215 C . -10.77 4.89 -5.62
C15 215 C . -10.16 3.96 -4.79
N14 215 C . -10.81 3.45 -3.75
C13 215 C . -12.05 3.81 -3.46
C12 215 C . -12.72 4.74 -4.25
N4 215 C . -13.53 7.60 -7.93
N1 215 C . -13.99 6.97 -5.93
C20 215 C . -17.40 9.90 -8.30
C19 215 C . -18.16 10.11 -7.14
C18 215 C . -17.65 9.57 -5.94
C17 215 C . -16.45 8.82 -5.85
O22 215 C . -19.33 10.88 -7.17
C24 215 C . -21.42 11.45 -7.86
N25 215 C . -21.42 10.97 -9.28
C27 215 C . -20.35 11.46 -10.22
C26 215 C . -21.52 9.49 -9.32
C3 215 D . 11.17 -5.95 9.35
C5 215 D . 11.40 -6.25 11.52
C6 215 D . 11.82 -6.84 12.82
C21 215 D . 13.04 -7.50 12.88
C23 215 D . 12.90 -10.00 16.67
C31 215 D . 12.71 -5.22 3.45
C32 215 D . 12.56 -6.65 3.84
O34 215 D . 12.69 -8.90 3.29
N33 215 D . 12.80 -7.55 2.98
C30 215 D . 12.13 -4.40 4.64
C29 215 D . 11.93 -5.43 5.75
C9 215 D . 11.58 -5.12 7.07
C28 215 D . 12.16 -6.73 5.29
C10 215 D . 12.07 -7.80 6.16
C11 215 D . 11.72 -7.49 7.48
C8 215 D . 11.44 -6.19 7.93
C2 215 D . 10.50 -4.94 10.01
C7 215 D . 9.67 -3.82 9.44
C16 215 D . 8.91 -4.02 8.29
C15 215 D . 8.17 -2.94 7.87
N14 215 D . 8.14 -1.77 8.55
C13 215 D . 8.85 -1.55 9.66
C12 215 D . 9.62 -2.59 10.12
N4 215 D . 11.74 -6.72 10.30
N1 215 D . 10.64 -5.15 11.35
C20 215 D . 13.52 -8.09 14.06
C19 215 D . 12.74 -8.05 15.19
C18 215 D . 11.48 -7.40 15.12
C17 215 D . 11.01 -6.78 13.95
O22 215 D . 13.21 -8.63 16.34
C24 215 D . 12.92 -10.24 18.18
N25 215 D . 11.55 -10.30 18.76
C27 215 D . 10.50 -9.41 18.13
C26 215 D . 11.24 -11.74 18.71
#